data_4FFJ
#
_entry.id   4FFJ
#
_cell.length_a   78.008
_cell.length_b   78.008
_cell.length_c   87.616
_cell.angle_alpha   90.00
_cell.angle_beta   90.00
_cell.angle_gamma   90.00
#
_symmetry.space_group_name_H-M   'P 43 21 2'
#
loop_
_entity.id
_entity.type
_entity.pdbx_description
1 polymer 'Riboflavin biosynthesis protein ribBA'
2 non-polymer 'SULFATE ION'
3 non-polymer GLYCEROL
4 water water
#
_entity_poly.entity_id   1
_entity_poly.type   'polypeptide(L)'
_entity_poly.pdbx_seq_one_letter_code
;MEYRKIQEALEALQKGRLVLVIDDKDRENEGDLICSAQAATTENVNFMATYAKGLICMPMSESLANQLMLSPMVENNTDN
HKTAFTVSIDYKETTTGISAEERGLTARMCVAEDITPSDFRRPGHMFPLIAKKGGVLERNGHTEATVDLLKLAGLKECGL
CCEIMNHDGKMMRTDDLIQFSKKHNIPLITIKELQEYRKVYDQLVERVST
;
_entity_poly.pdbx_strand_id   A
#
# COMPACT_ATOMS: atom_id res chain seq x y z
N MET A 1 -13.90 9.75 -13.27
CA MET A 1 -15.02 9.19 -12.07
C MET A 1 -15.22 7.75 -12.45
N GLU A 2 -16.43 7.03 -12.09
CA GLU A 2 -16.89 5.39 -12.43
C GLU A 2 -16.78 5.35 -14.10
N TYR A 3 -15.35 4.91 -14.69
CA TYR A 3 -14.80 4.68 -16.16
C TYR A 3 -13.51 6.09 -15.97
N ARG A 4 -12.71 5.80 -16.20
CA ARG A 4 -12.30 4.49 -16.30
C ARG A 4 -10.53 5.03 -16.51
N LYS A 5 -9.89 5.69 -15.71
CA LYS A 5 -8.47 6.16 -15.32
C LYS A 5 -8.07 4.72 -13.86
N ILE A 6 -8.69 3.49 -13.94
CA ILE A 6 -8.14 2.55 -13.54
C ILE A 6 -6.81 2.14 -14.19
N GLN A 7 -6.69 2.16 -15.59
CA GLN A 7 -5.60 1.90 -16.34
C GLN A 7 -4.33 2.87 -16.00
N GLU A 8 -4.56 4.02 -15.73
CA GLU A 8 -3.60 4.81 -15.51
C GLU A 8 -2.98 4.48 -13.84
N ALA A 9 -3.83 4.21 -13.07
CA ALA A 9 -3.26 3.59 -11.60
C ALA A 9 -2.51 2.47 -12.01
N LEU A 10 -2.98 1.38 -12.63
CA LEU A 10 -2.22 0.31 -13.04
C LEU A 10 -0.72 0.63 -13.57
N GLU A 11 -0.78 1.52 -14.47
CA GLU A 11 0.52 1.72 -15.33
C GLU A 11 1.50 2.54 -14.38
N ALA A 12 1.06 3.46 -13.54
CA ALA A 12 1.85 4.16 -12.57
C ALA A 12 2.33 3.07 -11.68
N LEU A 13 1.59 2.08 -11.37
CA LEU A 13 2.14 1.08 -10.29
C LEU A 13 3.15 0.31 -10.97
N GLN A 14 2.97 -0.13 -12.30
CA GLN A 14 3.93 -1.03 -12.95
C GLN A 14 5.31 -0.24 -13.32
N LYS A 15 5.26 0.98 -13.44
CA LYS A 15 6.52 1.96 -13.68
C LYS A 15 7.16 2.31 -12.40
N GLY A 16 6.64 1.81 -11.14
CA GLY A 16 7.49 1.96 -9.85
C GLY A 16 7.02 3.13 -9.24
N ARG A 17 5.77 3.75 -9.56
CA ARG A 17 5.47 5.01 -9.01
C ARG A 17 4.25 4.93 -8.07
N LEU A 18 3.83 6.07 -7.53
CA LEU A 18 2.86 6.19 -6.54
C LEU A 18 1.42 6.39 -7.11
N VAL A 19 0.43 5.96 -6.38
CA VAL A 19 -1.03 6.10 -6.82
C VAL A 19 -1.64 6.62 -5.71
N LEU A 20 -2.73 7.53 -5.75
CA LEU A 20 -3.36 8.16 -4.57
C LEU A 20 -4.76 7.35 -4.57
N VAL A 21 -4.99 6.59 -3.51
CA VAL A 21 -6.32 5.79 -3.50
C VAL A 21 -7.12 6.54 -2.45
N ILE A 22 -8.29 7.04 -2.94
CA ILE A 22 -9.18 7.95 -2.14
C ILE A 22 -10.51 7.00 -1.68
N ASP A 23 -10.70 7.06 -0.61
CA ASP A 23 -11.80 6.28 0.04
C ASP A 23 -12.92 7.35 -0.22
N ASP A 24 -14.00 6.16 -1.53
CA ASP A 24 -14.49 6.68 -2.33
C ASP A 24 -15.85 7.96 -2.41
N LYS A 25 -15.69 8.67 -0.62
CA LYS A 25 -16.46 9.77 -0.25
C LYS A 25 -16.84 8.72 1.31
N ASP A 26 -16.69 9.64 2.42
CA ASP A 26 -17.44 9.11 3.50
C ASP A 26 -18.85 10.04 3.75
N ASN A 29 -13.10 12.16 2.05
CA ASN A 29 -12.97 11.10 3.30
C ASN A 29 -11.28 10.47 3.71
N GLU A 30 -10.76 9.63 3.25
CA GLU A 30 -9.29 9.35 3.40
C GLU A 30 -8.52 8.96 2.17
N GLY A 31 -7.37 9.64 1.96
CA GLY A 31 -6.56 9.35 0.85
C GLY A 31 -5.11 8.72 1.36
N ASP A 32 -4.71 7.64 0.60
CA ASP A 32 -3.48 6.89 0.92
C ASP A 32 -2.72 6.97 -0.35
N LEU A 33 -1.35 7.25 -0.22
CA LEU A 33 -0.34 6.84 -1.23
C LEU A 33 -0.03 5.46 -1.16
N ILE A 34 0.13 4.77 -2.32
CA ILE A 34 0.53 3.51 -2.45
C ILE A 34 1.59 3.30 -3.44
N CYS A 35 2.36 2.25 -3.35
CA CYS A 35 3.12 1.82 -4.39
C CYS A 35 3.41 0.42 -4.30
N SER A 36 3.97 -0.41 -5.34
CA SER A 36 4.31 -1.76 -5.21
C SER A 36 5.66 -1.94 -4.06
N ALA A 37 5.74 -3.13 -3.49
CA ALA A 37 6.91 -3.34 -2.47
C ALA A 37 8.19 -3.51 -3.38
N GLN A 38 7.97 -4.01 -4.63
CA GLN A 38 8.97 -4.06 -5.68
C GLN A 38 9.61 -2.75 -5.90
N ALA A 39 8.94 -1.52 -5.68
CA ALA A 39 9.28 -0.23 -5.96
C ALA A 39 9.23 0.53 -4.79
N ALA A 40 9.54 -0.12 -3.58
CA ALA A 40 9.67 0.63 -2.40
C ALA A 40 11.05 1.13 -2.29
N THR A 41 11.43 2.20 -3.12
CA THR A 41 12.71 2.87 -3.01
C THR A 41 12.79 3.71 -1.99
N THR A 42 14.04 4.15 -1.56
CA THR A 42 14.16 5.14 -0.61
C THR A 42 13.36 6.25 -1.05
N GLU A 43 13.31 6.62 -2.29
CA GLU A 43 12.66 8.02 -2.56
C GLU A 43 11.02 7.77 -2.50
N ASN A 44 10.52 6.71 -2.88
CA ASN A 44 9.04 6.49 -2.64
C ASN A 44 8.69 6.47 -1.20
N VAL A 45 9.56 5.80 -0.30
CA VAL A 45 9.23 5.89 1.15
C VAL A 45 9.40 7.00 1.74
N ASN A 46 10.53 7.90 1.43
CA ASN A 46 10.64 9.28 2.00
C ASN A 46 9.56 10.17 1.50
N PHE A 47 9.18 9.95 0.28
CA PHE A 47 7.95 10.88 -0.23
C PHE A 47 6.78 10.63 0.65
N MET A 48 6.43 9.27 0.96
CA MET A 48 5.28 9.14 2.06
C MET A 48 5.49 9.69 3.20
N ALA A 49 6.74 9.51 3.85
CA ALA A 49 7.04 9.92 5.04
C ALA A 49 7.19 11.55 5.14
N THR A 50 7.44 12.12 3.94
CA THR A 50 7.53 13.73 4.08
C THR A 50 6.23 14.26 3.67
N TYR A 51 5.58 13.69 2.61
CA TYR A 51 4.31 14.44 2.20
C TYR A 51 2.98 13.79 2.68
N ALA A 52 2.95 12.48 3.05
CA ALA A 52 1.58 11.85 3.50
C ALA A 52 1.54 11.90 4.92
N LYS A 53 2.59 11.28 5.67
CA LYS A 53 2.87 11.47 7.04
C LYS A 53 1.98 10.61 7.94
N GLY A 54 1.08 9.77 7.36
CA GLY A 54 0.34 8.81 8.34
C GLY A 54 1.38 7.80 8.72
N LEU A 55 0.86 6.39 8.92
CA LEU A 55 1.73 5.37 9.30
C LEU A 55 2.04 4.66 8.05
N ILE A 56 3.29 4.40 7.58
CA ILE A 56 3.50 3.69 6.35
C ILE A 56 3.35 2.16 6.66
N CYS A 57 2.43 1.43 5.95
CA CYS A 57 2.20 0.08 6.18
C CYS A 57 2.32 -0.69 4.94
N MET A 58 2.22 -2.04 4.94
CA MET A 58 2.35 -2.87 3.90
C MET A 58 1.21 -3.94 3.70
N PRO A 59 0.23 -3.53 2.85
CA PRO A 59 -0.83 -4.50 2.48
C PRO A 59 -0.28 -5.55 1.75
N MET A 60 -0.68 -6.83 2.08
CA MET A 60 -0.07 -8.00 1.39
C MET A 60 -1.21 -9.12 1.45
N SER A 61 -1.00 -10.03 0.65
CA SER A 61 -1.94 -11.22 0.44
C SER A 61 -1.65 -12.15 1.71
N GLU A 62 -2.70 -12.95 1.99
CA GLU A 62 -2.33 -13.95 3.10
C GLU A 62 -1.34 -14.87 2.75
N SER A 63 -1.28 -15.30 1.48
CA SER A 63 -0.25 -16.15 1.13
C SER A 63 1.13 -15.61 1.37
N LEU A 64 1.41 -14.28 1.17
CA LEU A 64 2.79 -13.81 1.39
C LEU A 64 2.97 -13.74 2.91
N ALA A 65 1.97 -13.24 3.73
CA ALA A 65 2.11 -13.22 5.00
C ALA A 65 2.46 -14.67 5.61
N ASN A 66 1.87 -15.73 5.06
CA ASN A 66 2.19 -17.01 5.57
C ASN A 66 3.51 -17.41 5.19
N GLN A 67 4.01 -17.20 3.88
CA GLN A 67 5.39 -17.36 3.59
C GLN A 67 6.39 -16.70 4.54
N LEU A 68 6.05 -15.55 5.12
CA LEU A 68 6.96 -14.85 5.95
C LEU A 68 6.79 -15.34 7.47
N MET A 69 5.78 -16.28 7.69
CA MET A 69 5.32 -16.66 8.87
C MET A 69 4.90 -15.50 9.78
N LEU A 70 4.11 -14.56 9.28
CA LEU A 70 3.77 -13.54 9.97
C LEU A 70 2.26 -13.96 10.74
N SER A 71 2.40 -13.71 12.07
CA SER A 71 1.15 -14.01 13.05
C SER A 71 0.38 -12.41 12.87
N PRO A 72 -0.88 -12.56 12.92
CA PRO A 72 -1.93 -11.29 13.33
C PRO A 72 -1.26 -10.70 14.84
N MET A 73 -1.17 -9.43 14.82
CA MET A 73 -0.45 -8.89 16.10
C MET A 73 -1.26 -9.26 17.23
N VAL A 74 -2.55 -9.30 17.28
CA VAL A 74 -3.22 -9.72 18.53
C VAL A 74 -4.06 -10.94 18.07
N GLU A 75 -3.56 -12.20 18.93
CA GLU A 75 -3.95 -13.79 18.80
C GLU A 75 -5.08 -14.10 17.43
N THR A 83 -8.59 -3.45 11.05
CA THR A 83 -7.27 -3.25 10.00
C THR A 83 -6.32 -4.48 10.62
N ALA A 84 -5.84 -5.43 9.55
CA ALA A 84 -5.37 -6.83 9.93
C ALA A 84 -3.72 -6.66 10.09
N PHE A 85 -3.37 -6.04 11.10
CA PHE A 85 -1.92 -5.79 11.39
C PHE A 85 -1.29 -7.06 11.90
N THR A 86 -0.23 -7.46 11.25
CA THR A 86 0.63 -8.63 11.81
C THR A 86 1.59 -8.06 12.71
N VAL A 87 2.49 -8.94 13.40
CA VAL A 87 3.65 -8.33 14.03
C VAL A 87 4.52 -7.55 12.99
N SER A 88 5.25 -6.54 13.45
CA SER A 88 5.99 -5.72 12.53
C SER A 88 7.32 -6.42 12.28
N ILE A 89 8.15 -5.85 11.30
CA ILE A 89 9.18 -6.47 10.83
C ILE A 89 10.36 -5.49 10.35
N ASP A 90 11.63 -5.96 10.43
CA ASP A 90 12.86 -5.20 9.83
C ASP A 90 13.61 -6.26 9.25
N TYR A 91 14.06 -6.05 7.87
CA TYR A 91 14.82 -6.94 7.24
C TYR A 91 16.22 -7.00 8.13
N LYS A 92 16.75 -8.22 8.22
CA LYS A 92 17.89 -8.46 9.18
C LYS A 92 18.94 -7.81 8.78
N GLU A 93 19.23 -7.32 7.51
CA GLU A 93 20.60 -6.53 7.30
C GLU A 93 20.37 -5.17 7.69
N THR A 94 19.18 -4.56 8.02
CA THR A 94 19.14 -3.18 8.46
C THR A 94 19.68 -3.03 9.92
N THR A 95 20.04 -1.89 10.27
CA THR A 95 20.65 -1.74 11.55
C THR A 95 19.54 -1.21 12.55
N THR A 96 19.06 0.09 12.44
CA THR A 96 18.03 0.60 13.28
C THR A 96 16.62 0.12 12.52
N GLY A 97 16.59 0.00 11.14
CA GLY A 97 15.47 -0.38 10.40
C GLY A 97 14.49 1.02 10.19
N ILE A 98 14.78 2.02 10.81
CA ILE A 98 13.86 3.18 10.98
C ILE A 98 13.96 4.20 9.67
N SER A 99 15.25 4.22 8.89
CA SER A 99 15.27 5.33 7.84
C SER A 99 14.44 4.99 6.83
N ALA A 100 14.09 5.97 5.83
CA ALA A 100 13.29 5.66 4.56
C ALA A 100 14.04 4.71 3.75
N GLU A 101 15.45 4.78 3.87
CA GLU A 101 16.09 3.89 3.08
C GLU A 101 16.03 2.33 3.64
N GLU A 102 16.17 2.24 5.00
CA GLU A 102 16.13 0.93 5.40
C GLU A 102 14.66 0.39 5.44
N ARG A 103 13.71 1.25 5.65
CA ARG A 103 12.23 0.73 5.47
C ARG A 103 12.02 0.35 4.18
N GLY A 104 12.62 0.97 3.15
CA GLY A 104 12.42 0.62 1.78
C GLY A 104 12.99 -0.66 1.49
N LEU A 105 14.32 -0.98 2.07
CA LEU A 105 14.92 -2.25 1.71
C LEU A 105 14.04 -3.49 2.49
N THR A 106 13.57 -3.16 3.71
CA THR A 106 12.70 -4.19 4.34
C THR A 106 11.54 -4.50 3.40
N ALA A 107 10.76 -3.44 2.93
CA ALA A 107 9.77 -3.73 1.92
C ALA A 107 10.20 -4.53 0.69
N ARG A 108 11.23 -4.11 -0.07
CA ARG A 108 11.60 -4.80 -1.18
C ARG A 108 12.08 -6.24 -0.82
N MET A 109 12.65 -6.47 0.33
CA MET A 109 13.14 -7.86 0.62
C MET A 109 11.80 -8.83 0.91
N CYS A 110 10.70 -8.26 1.22
CA CYS A 110 9.43 -9.05 1.26
C CYS A 110 9.00 -9.63 -0.02
N VAL A 111 9.44 -9.07 -1.15
CA VAL A 111 9.05 -9.61 -2.48
C VAL A 111 10.31 -10.25 -3.16
N ALA A 112 11.39 -10.54 -2.39
CA ALA A 112 12.30 -11.28 -2.88
C ALA A 112 12.07 -12.59 -3.29
N GLU A 113 12.45 -13.23 -4.31
CA GLU A 113 11.99 -14.55 -4.97
C GLU A 113 12.12 -15.63 -3.98
N ASP A 114 13.12 -15.80 -3.06
CA ASP A 114 12.64 -16.85 -2.24
C ASP A 114 13.32 -16.35 -0.93
N ILE A 115 12.66 -15.99 -0.20
CA ILE A 115 13.48 -15.22 1.17
C ILE A 115 12.52 -16.31 2.39
N THR A 116 13.20 -16.13 3.51
CA THR A 116 12.79 -16.96 4.52
C THR A 116 12.37 -16.14 5.71
N PRO A 117 11.39 -16.68 6.58
CA PRO A 117 10.99 -15.95 7.61
C PRO A 117 12.19 -15.37 8.44
N SER A 118 13.27 -16.14 8.82
CA SER A 118 14.21 -15.56 9.80
C SER A 118 15.16 -14.54 9.07
N ASP A 119 14.90 -14.13 7.81
CA ASP A 119 15.58 -12.83 7.41
C ASP A 119 14.92 -11.63 7.79
N PHE A 120 13.82 -11.69 8.57
CA PHE A 120 13.30 -10.51 9.21
C PHE A 120 13.26 -10.64 10.83
N ARG A 121 13.77 -9.67 11.54
CA ARG A 121 13.54 -9.42 12.79
C ARG A 121 12.04 -9.05 13.02
N ARG A 122 11.52 -9.41 14.26
CA ARG A 122 10.12 -9.03 14.64
C ARG A 122 10.28 -8.63 16.08
N PRO A 123 9.72 -7.49 16.61
CA PRO A 123 9.14 -6.54 15.98
C PRO A 123 10.16 -5.62 15.05
N GLY A 124 9.56 -4.57 14.23
CA GLY A 124 10.44 -3.72 13.60
C GLY A 124 9.64 -2.55 13.24
N HIS A 125 9.96 -2.05 11.97
CA HIS A 125 9.48 -0.81 11.60
C HIS A 125 8.65 -0.79 10.39
N MET A 126 8.25 -1.92 9.83
CA MET A 126 7.38 -1.87 8.65
C MET A 126 6.20 -2.90 9.14
N PHE A 127 4.93 -2.61 8.60
CA PHE A 127 3.69 -3.06 9.30
C PHE A 127 2.88 -3.73 8.26
N PRO A 128 3.04 -5.03 8.07
CA PRO A 128 2.18 -5.69 7.07
C PRO A 128 0.72 -5.73 7.58
N LEU A 129 -0.17 -5.72 6.61
CA LEU A 129 -1.69 -5.64 6.88
C LEU A 129 -2.15 -6.66 5.89
N ILE A 130 -2.85 -7.79 6.39
CA ILE A 130 -3.33 -8.75 5.62
C ILE A 130 -4.78 -8.44 4.91
N ALA A 131 -4.77 -8.54 3.59
CA ALA A 131 -6.01 -8.09 2.75
C ALA A 131 -7.01 -9.51 2.91
N LYS A 132 -8.26 -9.13 3.00
CA LYS A 132 -9.33 -10.16 2.77
C LYS A 132 -9.22 -10.70 1.58
N LYS A 133 -9.57 -12.01 1.43
CA LYS A 133 -9.35 -12.74 0.23
C LYS A 133 -10.28 -12.20 -1.00
N GLY A 134 -11.41 -11.67 -0.67
CA GLY A 134 -12.23 -11.20 -1.85
C GLY A 134 -11.88 -9.67 -2.15
N GLY A 135 -10.81 -9.02 -1.42
CA GLY A 135 -10.34 -7.72 -1.73
C GLY A 135 -11.48 -6.91 -1.61
N VAL A 136 -11.60 -5.72 -2.41
CA VAL A 136 -12.41 -4.62 -2.08
C VAL A 136 -14.06 -5.19 -2.32
N LEU A 137 -14.19 -6.26 -3.07
CA LEU A 137 -15.51 -6.85 -3.23
C LEU A 137 -15.90 -7.61 -1.92
N GLU A 138 -15.02 -7.80 -0.93
CA GLU A 138 -15.17 -8.31 0.46
C GLU A 138 -15.15 -7.32 1.45
N ARG A 139 -14.10 -6.36 1.41
CA ARG A 139 -13.95 -5.42 2.48
C ARG A 139 -13.37 -4.11 1.75
N ASN A 140 -13.96 -3.02 1.94
CA ASN A 140 -13.65 -2.01 0.91
C ASN A 140 -12.59 -1.08 1.41
N GLY A 141 -11.50 -1.84 2.02
CA GLY A 141 -10.39 -1.06 2.83
C GLY A 141 -9.32 -0.54 1.74
N HIS A 142 -8.52 0.30 2.23
CA HIS A 142 -7.23 0.75 1.48
C HIS A 142 -6.28 -0.40 1.43
N THR A 143 -6.21 -1.36 2.47
CA THR A 143 -5.42 -2.60 2.31
C THR A 143 -5.77 -3.35 1.20
N GLU A 144 -7.19 -3.52 1.07
CA GLU A 144 -7.60 -4.49 -0.06
C GLU A 144 -7.53 -3.70 -1.47
N ALA A 145 -7.69 -2.45 -1.43
CA ALA A 145 -7.58 -1.64 -2.86
C ALA A 145 -6.18 -1.72 -3.25
N THR A 146 -5.24 -1.67 -2.28
CA THR A 146 -3.69 -1.83 -2.74
C THR A 146 -3.44 -3.02 -3.27
N VAL A 147 -3.83 -4.24 -2.48
CA VAL A 147 -3.57 -5.46 -3.03
C VAL A 147 -4.23 -5.72 -4.47
N ASP A 148 -5.51 -5.30 -4.56
CA ASP A 148 -6.32 -5.66 -5.84
C ASP A 148 -5.61 -4.86 -7.03
N LEU A 149 -5.24 -3.65 -6.79
CA LEU A 149 -4.41 -2.80 -8.05
C LEU A 149 -3.26 -3.48 -8.34
N LEU A 150 -2.38 -4.05 -7.30
CA LEU A 150 -1.16 -4.69 -7.74
C LEU A 150 -1.44 -5.78 -8.29
N LYS A 151 -2.53 -6.69 -7.82
CA LYS A 151 -2.83 -7.90 -8.53
C LYS A 151 -3.38 -7.75 -10.07
N LEU A 152 -4.21 -6.83 -10.29
CA LEU A 152 -4.66 -6.38 -11.75
C LEU A 152 -3.58 -5.73 -12.55
N ALA A 153 -2.53 -5.00 -11.91
CA ALA A 153 -1.20 -4.62 -12.62
C ALA A 153 -0.41 -5.78 -12.91
N GLY A 154 -0.69 -7.08 -12.48
CA GLY A 154 0.21 -8.11 -12.59
C GLY A 154 1.42 -8.26 -11.59
N LEU A 155 1.47 -7.37 -10.61
CA LEU A 155 2.56 -7.27 -9.77
C LEU A 155 2.39 -8.38 -8.53
N LYS A 156 3.55 -8.71 -7.84
CA LYS A 156 3.36 -9.37 -6.51
C LYS A 156 2.40 -8.63 -5.62
N GLU A 157 1.50 -9.40 -4.85
CA GLU A 157 0.57 -8.81 -3.92
C GLU A 157 1.09 -8.48 -2.62
N CYS A 158 1.98 -7.22 -2.70
CA CYS A 158 2.49 -6.67 -1.58
C CYS A 158 2.80 -5.28 -1.93
N GLY A 159 2.32 -4.29 -1.16
CA GLY A 159 2.60 -2.91 -1.36
C GLY A 159 2.88 -2.09 -0.33
N LEU A 160 3.07 -0.79 -0.38
CA LEU A 160 3.05 0.13 0.73
C LEU A 160 1.87 1.04 0.73
N CYS A 161 1.42 1.61 1.93
N CYS A 161 1.49 1.59 1.95
CA CYS A 161 0.29 2.54 1.85
CA CYS A 161 0.43 2.50 2.01
C CYS A 161 0.28 3.21 2.83
C CYS A 161 0.67 3.30 2.82
N CYS A 162 0.22 4.60 2.69
CA CYS A 162 0.35 5.59 3.79
C CYS A 162 -0.72 6.72 3.63
N GLU A 163 -1.51 6.97 4.67
CA GLU A 163 -2.47 7.91 4.74
C GLU A 163 -1.85 9.36 4.71
N ILE A 164 -2.61 10.25 3.92
CA ILE A 164 -2.16 11.69 3.90
C ILE A 164 -2.85 12.61 4.99
N MET A 165 -2.03 13.32 5.79
CA MET A 165 -2.53 14.08 6.67
C MET A 165 -2.50 15.68 5.93
N ASN A 166 -3.31 16.55 6.36
CA ASN A 166 -3.20 17.96 5.79
C ASN A 166 -2.20 18.70 6.73
N HIS A 167 -2.01 19.95 6.52
CA HIS A 167 -1.03 20.61 7.10
C HIS A 167 -1.13 20.68 8.34
N ASP A 168 -2.38 20.71 9.04
CA ASP A 168 -2.52 20.89 10.49
C ASP A 168 -2.61 19.40 11.33
N GLY A 169 -2.39 18.26 10.47
CA GLY A 169 -2.40 16.99 11.25
C GLY A 169 -3.79 16.41 11.34
N LYS A 170 -4.66 16.68 10.45
CA LYS A 170 -5.92 16.04 10.38
C LYS A 170 -5.87 15.44 9.14
N MET A 171 -6.80 14.41 8.73
CA MET A 171 -6.70 13.59 7.52
C MET A 171 -7.06 14.65 6.36
N MET A 172 -6.39 14.62 5.24
CA MET A 172 -6.45 15.55 4.12
C MET A 172 -7.78 14.96 3.51
N ARG A 173 -8.69 16.09 3.17
CA ARG A 173 -10.15 15.69 2.55
C ARG A 173 -10.09 15.82 1.14
N THR A 174 -11.19 15.46 0.51
CA THR A 174 -11.31 15.24 -0.93
C THR A 174 -10.72 16.39 -1.96
N ASP A 175 -10.87 17.66 -1.56
CA ASP A 175 -10.29 18.47 -2.51
C ASP A 175 -9.19 18.84 -2.45
N ASP A 176 -8.63 18.82 -1.17
CA ASP A 176 -7.02 18.79 -0.86
C ASP A 176 -6.28 17.75 -1.63
N LEU A 177 -7.03 16.33 -1.55
CA LEU A 177 -6.44 15.35 -2.18
C LEU A 177 -6.33 15.50 -3.60
N ILE A 178 -7.42 16.06 -4.24
CA ILE A 178 -7.35 16.13 -5.92
C ILE A 178 -6.36 17.19 -6.21
N GLN A 179 -6.28 18.29 -5.46
CA GLN A 179 -5.29 19.30 -5.63
C GLN A 179 -3.80 18.75 -5.55
N PHE A 180 -3.64 17.81 -4.37
CA PHE A 180 -2.33 17.19 -4.29
C PHE A 180 -1.99 16.30 -5.29
N SER A 181 -2.91 15.43 -5.81
CA SER A 181 -2.68 14.58 -6.88
C SER A 181 -2.25 15.41 -8.14
N LYS A 182 -2.88 16.47 -8.38
CA LYS A 182 -2.64 17.39 -9.88
C LYS A 182 -1.22 18.10 -9.40
N LYS A 183 -1.13 18.62 -8.33
CA LYS A 183 0.29 19.18 -7.93
C LYS A 183 1.48 18.06 -8.09
N HIS A 184 1.38 16.75 -7.82
CA HIS A 184 2.70 15.89 -7.77
C HIS A 184 2.48 15.08 -8.69
N ASN A 185 1.35 15.12 -9.63
CA ASN A 185 1.27 14.29 -10.69
C ASN A 185 1.26 12.96 -10.49
N ILE A 186 0.30 12.57 -9.40
CA ILE A 186 0.17 11.02 -9.17
C ILE A 186 -1.25 10.71 -9.56
N PRO A 187 -1.46 9.65 -10.24
CA PRO A 187 -2.65 9.23 -10.54
C PRO A 187 -3.61 8.99 -9.48
N LEU A 188 -4.88 9.42 -9.46
CA LEU A 188 -5.95 9.34 -8.40
C LEU A 188 -6.94 8.29 -8.74
N ILE A 189 -7.46 7.40 -7.75
CA ILE A 189 -8.40 6.40 -7.97
C ILE A 189 -9.33 6.35 -6.65
N THR A 190 -10.65 6.13 -6.72
CA THR A 190 -11.34 5.95 -5.60
C THR A 190 -11.70 4.56 -5.42
N ILE A 191 -11.84 4.12 -4.08
CA ILE A 191 -12.23 2.69 -3.92
C ILE A 191 -13.62 2.29 -4.62
N LYS A 192 -14.60 3.13 -4.50
CA LYS A 192 -15.97 2.84 -5.21
C LYS A 192 -15.80 2.52 -6.56
N GLU A 193 -14.89 3.38 -7.26
CA GLU A 193 -14.52 2.98 -8.75
C GLU A 193 -13.94 1.88 -9.02
N LEU A 194 -12.81 1.43 -8.00
CA LEU A 194 -12.22 0.07 -8.45
C LEU A 194 -13.28 -1.10 -8.03
N GLN A 195 -14.16 -0.80 -7.14
CA GLN A 195 -15.36 -1.91 -6.93
C GLN A 195 -16.16 -2.13 -7.99
N GLU A 196 -16.58 -0.96 -8.79
CA GLU A 196 -17.41 -1.19 -9.94
C GLU A 196 -16.74 -1.89 -10.91
N TYR A 197 -15.27 -1.50 -11.10
CA TYR A 197 -14.45 -2.17 -12.03
C TYR A 197 -14.31 -3.55 -11.74
N ARG A 198 -14.10 -3.90 -10.54
CA ARG A 198 -13.93 -5.51 -10.30
C ARG A 198 -15.33 -6.29 -10.41
N LYS A 199 -16.44 -5.54 -10.03
CA LYS A 199 -17.91 -6.19 -10.46
C LYS A 199 -18.01 -6.42 -11.65
N VAL A 200 -17.42 -5.63 -12.70
CA VAL A 200 -17.77 -6.09 -14.02
C VAL A 200 -16.69 -6.85 -14.66
N TYR A 201 -15.24 -6.64 -14.17
CA TYR A 201 -14.21 -7.20 -15.00
C TYR A 201 -13.43 -8.27 -14.09
N ASP A 202 -13.77 -8.40 -12.78
CA ASP A 202 -12.87 -9.26 -12.11
C ASP A 202 -13.57 -9.81 -10.88
N GLN A 203 -14.89 -10.45 -11.13
CA GLN A 203 -15.64 -10.71 -9.96
C GLN A 203 -15.06 -12.19 -8.95
N LEU A 204 -15.70 -12.21 -7.89
CA LEU A 204 -15.52 -13.23 -6.75
C LEU A 204 -15.57 -14.76 -6.85
#